data_5FX5
#
_entry.id   5FX5
#
_cell.length_a   70.580
_cell.length_b   77.639
_cell.length_c   34.134
_cell.angle_alpha   90.00
_cell.angle_beta   90.00
_cell.angle_gamma   90.00
#
_symmetry.space_group_name_H-M   'P 21 21 2'
#
loop_
_entity.id
_entity.type
_entity.pdbx_description
1 polymer 'RHINOVIRUS 3C PROTEASE'
2 non-polymer GLYCEROL
3 non-polymer 'TETRAETHYLENE GLYCOL'
4 non-polymer 'TRIETHYLENE GLYCOL'
5 non-polymer 'ethyl (4R)-4-[[(2S,3R)-1-[(2S)-3-methyl-2-[(5-methyl-1,2-oxazol-3-yl)carbonylamino]butanoyl]-3-phenyl-pyrrolidin-2-yl]carbonylamino]-5-[(3S)-2-oxidanylidenepyrrolidin-3-yl]pentanoate'
6 water water
#
_entity_poly.entity_id   1
_entity_poly.type   'polypeptide(L)'
_entity_poly.pdbx_seq_one_letter_code
;GSGPEEEFGMSLIKHNSCVITTENGKFTGLGVYDRFVVVPTHADPGKEIQVDGITTKVIDSYDLYNKNGIKLEITVLKLD
RNEKFRDIRRYIPNNEDDYPNCNLALLANQPEPTIINVGDVVSYGNILLSGNQTARMLKYSYPTKSGYCGGVLYKIGQVL
GIHVGGNGRDGFSAMLLRSYFT
;
_entity_poly.pdbx_strand_id   A
#
# COMPACT_ATOMS: atom_id res chain seq x y z
N GLY A 3 -12.43 16.65 -10.17
CA GLY A 3 -11.72 17.61 -9.33
C GLY A 3 -10.26 17.23 -9.18
N PRO A 4 -9.43 18.11 -8.55
CA PRO A 4 -8.01 17.78 -8.40
C PRO A 4 -7.69 16.56 -7.53
N GLU A 5 -8.53 16.26 -6.52
CA GLU A 5 -8.24 15.13 -5.66
C GLU A 5 -8.43 13.84 -6.43
N GLU A 6 -9.46 13.80 -7.31
CA GLU A 6 -9.71 12.61 -8.12
C GLU A 6 -8.56 12.41 -9.16
N GLU A 7 -8.19 13.48 -9.84
CA GLU A 7 -7.07 13.49 -10.79
C GLU A 7 -5.76 13.12 -10.10
N PHE A 8 -5.52 13.62 -8.85
CA PHE A 8 -4.31 13.25 -8.14
C PHE A 8 -4.26 11.74 -7.94
N GLY A 9 -5.40 11.14 -7.54
CA GLY A 9 -5.52 9.71 -7.36
C GLY A 9 -5.27 8.93 -8.62
N MET A 10 -5.84 9.40 -9.74
CA MET A 10 -5.64 8.75 -11.05
C MET A 10 -4.19 8.84 -11.51
N SER A 11 -3.48 9.93 -11.15
CA SER A 11 -2.07 10.15 -11.44
C SER A 11 -1.21 9.25 -10.57
N LEU A 12 -1.59 9.02 -9.30
CA LEU A 12 -0.87 8.05 -8.49
C LEU A 12 -0.98 6.64 -9.13
N ILE A 13 -2.16 6.26 -9.63
CA ILE A 13 -2.34 4.97 -10.30
C ILE A 13 -1.45 4.91 -11.53
N LYS A 14 -1.57 5.90 -12.38
CA LYS A 14 -0.84 5.95 -13.66
C LYS A 14 0.68 5.88 -13.50
N HIS A 15 1.22 6.69 -12.60
CA HIS A 15 2.65 6.84 -12.43
C HIS A 15 3.29 6.06 -11.32
N ASN A 16 2.55 5.74 -10.23
CA ASN A 16 3.12 5.13 -9.04
C ASN A 16 2.45 3.86 -8.58
N SER A 17 1.70 3.24 -9.46
CA SER A 17 1.15 1.93 -9.14
C SER A 17 1.38 0.89 -10.19
N CYS A 18 1.38 -0.38 -9.69
CA CYS A 18 1.58 -1.52 -10.56
C CYS A 18 0.85 -2.70 -9.94
N VAL A 19 0.65 -3.73 -10.73
CA VAL A 19 0.09 -4.98 -10.23
C VAL A 19 1.25 -5.89 -9.86
N ILE A 20 1.32 -6.35 -8.60
CA ILE A 20 2.35 -7.26 -8.14
C ILE A 20 1.72 -8.63 -7.99
N THR A 21 2.26 -9.64 -8.67
CA THR A 21 1.80 -11.02 -8.52
C THR A 21 2.83 -11.78 -7.75
N THR A 22 2.38 -12.44 -6.68
CA THR A 22 3.19 -13.35 -5.89
C THR A 22 2.45 -14.68 -5.90
N GLU A 23 2.95 -15.66 -5.13
CA GLU A 23 2.27 -16.95 -5.03
CA GLU A 23 2.29 -16.96 -5.01
C GLU A 23 0.96 -16.84 -4.20
N ASN A 24 0.72 -15.72 -3.50
CA ASN A 24 -0.52 -15.48 -2.72
C ASN A 24 -1.62 -14.72 -3.51
N GLY A 25 -1.32 -14.26 -4.73
CA GLY A 25 -2.27 -13.59 -5.60
C GLY A 25 -1.74 -12.27 -6.12
N LYS A 26 -2.66 -11.41 -6.55
CA LYS A 26 -2.31 -10.13 -7.15
C LYS A 26 -2.58 -9.01 -6.17
N PHE A 27 -1.64 -8.08 -6.05
CA PHE A 27 -1.77 -6.95 -5.14
C PHE A 27 -1.46 -5.65 -5.84
N THR A 28 -2.04 -4.56 -5.32
CA THR A 28 -1.72 -3.24 -5.87
C THR A 28 -0.37 -2.89 -5.23
N GLY A 29 0.63 -2.57 -6.05
CA GLY A 29 1.94 -2.20 -5.56
C GLY A 29 2.15 -0.71 -5.65
N LEU A 30 2.68 -0.06 -4.63
CA LEU A 30 2.97 1.38 -4.70
C LEU A 30 4.45 1.64 -4.95
N GLY A 31 4.79 2.26 -6.07
CA GLY A 31 6.16 2.63 -6.37
C GLY A 31 6.48 3.90 -5.61
N VAL A 32 7.47 3.83 -4.71
CA VAL A 32 7.77 4.97 -3.84
C VAL A 32 8.75 5.93 -4.53
N TYR A 33 9.82 5.37 -5.05
CA TYR A 33 10.84 6.07 -5.82
C TYR A 33 11.81 5.06 -6.40
N ASP A 34 12.54 5.45 -7.44
CA ASP A 34 13.57 4.60 -8.05
C ASP A 34 13.02 3.19 -8.35
N ARG A 35 13.65 2.11 -7.84
CA ARG A 35 13.21 0.75 -8.12
C ARG A 35 12.56 0.18 -6.84
N PHE A 36 12.09 1.05 -5.93
CA PHE A 36 11.49 0.60 -4.68
C PHE A 36 9.97 0.61 -4.74
N VAL A 37 9.33 -0.54 -4.48
N VAL A 37 9.36 -0.51 -4.28
CA VAL A 37 7.87 -0.66 -4.50
CA VAL A 37 7.91 -0.75 -4.24
C VAL A 37 7.49 -1.20 -3.18
C VAL A 37 7.48 -1.20 -2.87
N VAL A 38 6.31 -0.83 -2.65
N VAL A 38 6.26 -0.81 -2.48
CA VAL A 38 5.82 -1.42 -1.41
CA VAL A 38 5.62 -1.20 -1.24
C VAL A 38 4.65 -2.33 -1.71
C VAL A 38 4.49 -2.18 -1.56
N VAL A 39 4.45 -3.35 -0.85
CA VAL A 39 3.33 -4.28 -0.95
C VAL A 39 2.99 -4.69 0.44
N PRO A 40 1.77 -5.20 0.73
CA PRO A 40 1.51 -5.78 2.06
C PRO A 40 2.44 -6.99 2.30
N THR A 41 2.92 -7.14 3.53
CA THR A 41 3.83 -8.23 3.93
C THR A 41 3.21 -9.60 3.64
N HIS A 42 1.89 -9.74 3.85
CA HIS A 42 1.14 -10.97 3.63
C HIS A 42 1.09 -11.37 2.14
N ALA A 43 1.52 -10.45 1.21
CA ALA A 43 1.69 -10.79 -0.18
C ALA A 43 2.81 -11.84 -0.32
N ASP A 44 3.77 -11.85 0.61
CA ASP A 44 4.83 -12.84 0.70
C ASP A 44 5.66 -12.95 -0.63
N PRO A 45 6.16 -11.80 -1.12
CA PRO A 45 6.91 -11.82 -2.38
C PRO A 45 8.15 -12.69 -2.30
N GLY A 46 8.37 -13.54 -3.33
CA GLY A 46 9.52 -14.42 -3.43
C GLY A 46 10.70 -13.78 -4.13
N LYS A 47 11.65 -14.62 -4.53
CA LYS A 47 12.88 -14.17 -5.22
C LYS A 47 12.53 -13.48 -6.55
N GLU A 48 11.40 -13.92 -7.16
CA GLU A 48 10.85 -13.31 -8.37
C GLU A 48 9.39 -13.05 -8.14
N ILE A 49 8.90 -11.94 -8.66
CA ILE A 49 7.50 -11.56 -8.60
C ILE A 49 7.15 -11.25 -10.05
N GLN A 50 5.90 -10.88 -10.30
CA GLN A 50 5.52 -10.30 -11.57
C GLN A 50 5.12 -8.86 -11.30
N VAL A 51 5.54 -7.95 -12.16
CA VAL A 51 5.19 -6.51 -12.08
C VAL A 51 4.44 -6.26 -13.38
N ASP A 52 3.13 -6.06 -13.28
CA ASP A 52 2.25 -5.92 -14.45
C ASP A 52 2.47 -7.11 -15.44
N GLY A 53 2.59 -8.33 -14.89
CA GLY A 53 2.76 -9.55 -15.68
C GLY A 53 4.17 -9.91 -16.12
N ILE A 54 5.14 -9.05 -15.83
CA ILE A 54 6.52 -9.23 -16.24
C ILE A 54 7.29 -9.84 -15.07
N THR A 55 7.87 -11.03 -15.28
CA THR A 55 8.69 -11.67 -14.26
C THR A 55 9.89 -10.76 -13.94
N THR A 56 10.06 -10.43 -12.67
CA THR A 56 11.02 -9.46 -12.17
C THR A 56 11.74 -10.01 -10.93
N LYS A 57 13.09 -9.99 -10.93
CA LYS A 57 13.83 -10.44 -9.75
C LYS A 57 13.75 -9.34 -8.70
N VAL A 58 13.65 -9.80 -7.46
CA VAL A 58 13.67 -8.94 -6.28
C VAL A 58 15.11 -8.97 -5.80
N ILE A 59 15.78 -7.82 -5.83
CA ILE A 59 17.16 -7.70 -5.37
C ILE A 59 17.20 -7.80 -3.86
N ASP A 60 16.34 -7.03 -3.17
CA ASP A 60 16.25 -6.99 -1.71
C ASP A 60 14.80 -6.85 -1.31
N SER A 61 14.42 -7.39 -0.15
CA SER A 61 13.08 -7.26 0.38
C SER A 61 13.22 -6.97 1.87
N TYR A 62 12.44 -6.03 2.37
CA TYR A 62 12.49 -5.57 3.74
C TYR A 62 11.12 -5.54 4.35
N ASP A 63 10.82 -6.46 5.31
CA ASP A 63 9.54 -6.48 6.03
C ASP A 63 9.72 -5.52 7.18
N LEU A 64 8.88 -4.50 7.28
CA LEU A 64 9.07 -3.47 8.29
C LEU A 64 8.39 -3.83 9.61
N TYR A 65 9.10 -3.58 10.71
CA TYR A 65 8.62 -3.84 12.08
C TYR A 65 8.73 -2.57 12.91
N ASN A 66 7.93 -2.45 13.98
CA ASN A 66 8.08 -1.30 14.88
C ASN A 66 9.22 -1.63 15.89
N LYS A 67 9.50 -0.71 16.84
CA LYS A 67 10.58 -0.92 17.83
C LYS A 67 10.40 -2.13 18.75
N ASN A 68 9.16 -2.65 18.90
CA ASN A 68 8.84 -3.82 19.73
C ASN A 68 8.76 -5.11 18.95
N GLY A 69 9.21 -5.08 17.69
CA GLY A 69 9.20 -6.26 16.84
C GLY A 69 7.83 -6.69 16.37
N ILE A 70 6.89 -5.74 16.25
CA ILE A 70 5.56 -6.05 15.72
C ILE A 70 5.54 -5.62 14.26
N LYS A 71 5.04 -6.49 13.40
CA LYS A 71 4.93 -6.24 11.97
C LYS A 71 4.07 -5.03 11.68
N LEU A 72 4.52 -4.20 10.71
CA LEU A 72 3.75 -3.06 10.23
C LEU A 72 2.91 -3.46 9.03
N GLU A 73 3.09 -4.67 8.50
CA GLU A 73 2.40 -5.14 7.27
C GLU A 73 2.85 -4.36 6.00
N ILE A 74 4.03 -3.71 6.06
CA ILE A 74 4.65 -3.00 4.92
CA ILE A 74 4.63 -3.05 4.89
C ILE A 74 5.87 -3.86 4.53
N THR A 75 6.02 -4.21 3.26
CA THR A 75 7.22 -4.87 2.81
C THR A 75 7.73 -3.97 1.70
N VAL A 76 9.01 -3.59 1.74
CA VAL A 76 9.67 -2.77 0.72
C VAL A 76 10.51 -3.70 -0.14
N LEU A 77 10.33 -3.59 -1.45
CA LEU A 77 11.08 -4.40 -2.40
C LEU A 77 11.94 -3.55 -3.33
N LYS A 78 13.22 -3.93 -3.52
CA LYS A 78 14.10 -3.28 -4.51
C LYS A 78 14.04 -4.19 -5.75
N LEU A 79 13.51 -3.66 -6.86
CA LEU A 79 13.31 -4.46 -8.09
C LEU A 79 14.42 -4.36 -9.10
N ASP A 80 14.69 -5.48 -9.77
CA ASP A 80 15.66 -5.56 -10.86
C ASP A 80 14.90 -5.24 -12.14
N ARG A 81 14.75 -3.96 -12.40
CA ARG A 81 14.07 -3.46 -13.60
C ARG A 81 14.66 -2.15 -13.99
N ASN A 82 14.52 -1.80 -15.25
CA ASN A 82 15.12 -0.57 -15.77
C ASN A 82 14.36 0.67 -15.37
N GLU A 83 13.04 0.62 -15.49
N GLU A 83 13.01 0.61 -15.48
CA GLU A 83 12.14 1.73 -15.15
CA GLU A 83 12.06 1.67 -15.12
C GLU A 83 12.34 2.23 -13.72
C GLU A 83 12.28 2.22 -13.71
N LYS A 84 12.21 3.56 -13.55
CA LYS A 84 12.33 4.24 -12.26
C LYS A 84 11.01 4.91 -11.92
N PHE A 85 10.50 4.75 -10.71
CA PHE A 85 9.25 5.42 -10.34
C PHE A 85 9.46 6.89 -10.03
N ARG A 86 8.49 7.74 -10.35
CA ARG A 86 8.46 9.12 -9.90
C ARG A 86 8.59 9.11 -8.37
N ASP A 87 9.41 9.99 -7.78
CA ASP A 87 9.57 10.07 -6.32
C ASP A 87 8.35 10.72 -5.63
N ILE A 88 7.60 9.96 -4.86
CA ILE A 88 6.40 10.44 -4.17
C ILE A 88 6.58 10.56 -2.68
N ARG A 89 7.82 10.47 -2.17
CA ARG A 89 8.09 10.57 -0.73
C ARG A 89 7.64 11.89 -0.09
N ARG A 90 7.69 13.02 -0.82
CA ARG A 90 7.24 14.31 -0.30
C ARG A 90 5.74 14.34 0.08
N TYR A 91 4.92 13.42 -0.45
CA TYR A 91 3.50 13.36 -0.10
C TYR A 91 3.25 12.51 1.14
N ILE A 92 4.25 11.76 1.60
CA ILE A 92 4.09 10.82 2.70
C ILE A 92 4.27 11.57 4.02
N PRO A 93 3.30 11.50 4.95
CA PRO A 93 3.43 12.28 6.20
C PRO A 93 4.57 11.82 7.11
N ASN A 94 5.05 12.72 7.98
CA ASN A 94 6.13 12.39 8.91
C ASN A 94 5.64 11.69 10.16
N ASN A 95 4.41 11.97 10.60
CA ASN A 95 3.86 11.47 11.86
C ASN A 95 2.52 10.77 11.72
N GLU A 96 2.13 10.04 12.78
CA GLU A 96 0.81 9.38 12.90
C GLU A 96 -0.24 10.48 13.04
N ASP A 97 -1.43 10.28 12.44
CA ASP A 97 -2.49 11.27 12.54
C ASP A 97 -3.78 10.66 12.05
N ASP A 98 -4.86 11.43 12.19
CA ASP A 98 -6.19 11.12 11.67
C ASP A 98 -6.36 11.98 10.42
N TYR A 99 -7.24 11.60 9.51
CA TYR A 99 -7.43 12.27 8.22
C TYR A 99 -8.88 12.15 7.80
N PRO A 100 -9.61 13.27 7.69
CA PRO A 100 -10.99 13.18 7.23
C PRO A 100 -11.05 12.89 5.73
N ASN A 101 -12.14 12.29 5.31
CA ASN A 101 -12.50 12.06 3.92
C ASN A 101 -11.33 11.61 2.98
N CYS A 102 -10.86 10.40 3.20
CA CYS A 102 -9.79 9.78 2.39
C CYS A 102 -10.39 8.93 1.30
N ASN A 103 -9.53 8.55 0.33
CA ASN A 103 -9.87 7.67 -0.78
C ASN A 103 -8.89 6.49 -0.84
N LEU A 104 -9.26 5.39 -1.51
CA LEU A 104 -8.38 4.27 -1.80
C LEU A 104 -8.24 4.16 -3.31
N ALA A 105 -7.02 4.17 -3.81
CA ALA A 105 -6.73 4.00 -5.25
C ALA A 105 -6.39 2.53 -5.47
N LEU A 106 -7.24 1.84 -6.26
CA LEU A 106 -7.11 0.41 -6.54
C LEU A 106 -6.73 0.11 -7.99
N LEU A 107 -5.83 -0.85 -8.18
CA LEU A 107 -5.47 -1.32 -9.51
C LEU A 107 -5.67 -2.85 -9.65
N ALA A 108 -4.96 -3.60 -8.84
CA ALA A 108 -5.01 -5.07 -8.90
C ALA A 108 -6.38 -5.59 -8.55
N ASN A 109 -6.86 -6.62 -9.28
CA ASN A 109 -8.14 -7.30 -9.04
C ASN A 109 -9.35 -6.45 -9.47
N GLN A 110 -9.12 -5.32 -10.17
CA GLN A 110 -10.19 -4.44 -10.66
C GLN A 110 -10.18 -4.48 -12.17
N PRO A 111 -11.36 -4.33 -12.83
CA PRO A 111 -11.35 -4.25 -14.29
C PRO A 111 -10.61 -3.06 -14.88
N GLU A 112 -10.51 -1.98 -14.10
CA GLU A 112 -9.80 -0.77 -14.47
C GLU A 112 -9.43 -0.01 -13.22
N PRO A 113 -8.54 1.02 -13.34
CA PRO A 113 -8.21 1.86 -12.17
C PRO A 113 -9.45 2.41 -11.50
N THR A 114 -9.56 2.20 -10.19
CA THR A 114 -10.74 2.55 -9.40
C THR A 114 -10.37 3.38 -8.17
N ILE A 115 -11.14 4.44 -7.89
CA ILE A 115 -10.99 5.30 -6.70
CA ILE A 115 -10.99 5.25 -6.68
C ILE A 115 -12.23 5.08 -5.82
N ILE A 116 -12.03 4.64 -4.55
CA ILE A 116 -13.10 4.38 -3.58
C ILE A 116 -13.07 5.51 -2.53
N ASN A 117 -14.19 6.18 -2.23
CA ASN A 117 -14.17 7.22 -1.18
C ASN A 117 -14.48 6.49 0.13
N VAL A 118 -13.45 6.26 0.95
CA VAL A 118 -13.62 5.49 2.19
C VAL A 118 -14.00 6.33 3.40
N GLY A 119 -14.02 7.64 3.27
CA GLY A 119 -14.44 8.49 4.38
C GLY A 119 -13.33 8.79 5.38
N ASP A 120 -13.70 9.15 6.58
CA ASP A 120 -12.73 9.50 7.59
C ASP A 120 -11.88 8.35 8.12
N VAL A 121 -10.60 8.64 8.33
CA VAL A 121 -9.59 7.72 8.79
C VAL A 121 -9.01 8.09 10.13
N VAL A 122 -8.82 7.09 11.01
CA VAL A 122 -8.24 7.35 12.31
C VAL A 122 -7.06 6.46 12.56
N SER A 123 -6.05 7.01 13.22
CA SER A 123 -4.92 6.22 13.67
C SER A 123 -5.52 5.31 14.78
N TYR A 124 -5.46 4.02 14.55
CA TYR A 124 -6.17 3.02 15.35
C TYR A 124 -5.30 2.11 16.25
N GLY A 125 -3.99 2.18 16.16
CA GLY A 125 -3.15 1.34 17.01
C GLY A 125 -2.95 -0.04 16.41
N ASN A 126 -2.85 -1.05 17.29
CA ASN A 126 -2.60 -2.43 16.89
C ASN A 126 -3.86 -3.24 16.80
N ILE A 127 -3.92 -4.13 15.80
CA ILE A 127 -5.06 -5.05 15.64
C ILE A 127 -4.50 -6.43 15.46
N LEU A 128 -5.40 -7.42 15.38
CA LEU A 128 -5.01 -8.78 15.06
C LEU A 128 -5.55 -9.03 13.65
N LEU A 129 -4.66 -9.28 12.71
CA LEU A 129 -5.03 -9.64 11.31
C LEU A 129 -4.75 -11.13 11.21
N SER A 130 -5.83 -11.92 11.06
N SER A 130 -5.80 -11.95 11.05
CA SER A 130 -5.84 -13.40 11.08
CA SER A 130 -5.71 -13.43 11.02
C SER A 130 -5.01 -13.91 12.28
C SER A 130 -4.99 -13.94 12.30
N GLY A 131 -5.29 -13.32 13.43
CA GLY A 131 -4.68 -13.67 14.71
C GLY A 131 -3.29 -13.14 14.97
N ASN A 132 -2.73 -12.31 14.07
CA ASN A 132 -1.36 -11.81 14.17
C ASN A 132 -1.37 -10.32 14.50
N GLN A 133 -0.69 -9.91 15.58
CA GLN A 133 -0.61 -8.49 15.92
C GLN A 133 0.09 -7.71 14.85
N THR A 134 -0.58 -6.65 14.38
CA THR A 134 -0.11 -5.74 13.35
C THR A 134 -0.19 -4.31 13.93
N ALA A 135 0.87 -3.48 13.74
CA ALA A 135 0.89 -2.13 14.34
C ALA A 135 0.69 -1.02 13.38
N ARG A 136 0.43 0.20 13.93
CA ARG A 136 0.26 1.44 13.17
C ARG A 136 -0.83 1.31 12.10
N MET A 137 -2.02 0.84 12.52
CA MET A 137 -3.16 0.71 11.62
C MET A 137 -3.86 2.04 11.45
N LEU A 138 -4.40 2.24 10.25
CA LEU A 138 -5.25 3.36 9.94
C LEU A 138 -6.60 2.72 9.64
N LYS A 139 -7.63 3.08 10.36
CA LYS A 139 -8.96 2.49 10.21
C LYS A 139 -9.96 3.48 9.52
N TYR A 140 -10.83 2.91 8.69
CA TYR A 140 -11.93 3.57 8.01
C TYR A 140 -13.21 2.70 8.11
N SER A 141 -14.37 3.35 8.23
CA SER A 141 -15.64 2.64 8.28
C SER A 141 -16.16 2.48 6.86
N TYR A 142 -15.60 1.53 6.15
CA TYR A 142 -15.99 1.25 4.77
C TYR A 142 -15.90 -0.26 4.52
N PRO A 143 -16.89 -0.87 3.87
CA PRO A 143 -16.85 -2.33 3.68
C PRO A 143 -15.95 -2.76 2.53
N THR A 144 -14.63 -2.62 2.74
CA THR A 144 -13.57 -3.01 1.81
C THR A 144 -13.69 -4.51 1.65
N LYS A 145 -13.20 -5.02 0.51
CA LYS A 145 -13.36 -6.42 0.21
C LYS A 145 -12.14 -7.07 -0.34
N SER A 146 -12.26 -8.38 -0.60
CA SER A 146 -11.18 -9.19 -1.14
C SER A 146 -10.70 -8.53 -2.46
N GLY A 147 -9.39 -8.57 -2.68
CA GLY A 147 -8.76 -7.99 -3.87
C GLY A 147 -8.30 -6.56 -3.66
N TYR A 148 -8.67 -5.91 -2.51
CA TYR A 148 -8.29 -4.49 -2.33
C TYR A 148 -6.91 -4.26 -1.77
N CYS A 149 -6.20 -5.30 -1.35
CA CYS A 149 -4.95 -5.08 -0.65
C CYS A 149 -3.86 -4.50 -1.53
N GLY A 150 -3.09 -3.64 -0.89
CA GLY A 150 -2.12 -2.81 -1.56
C GLY A 150 -2.73 -1.52 -2.06
N GLY A 151 -4.06 -1.40 -2.01
CA GLY A 151 -4.72 -0.20 -2.46
C GLY A 151 -4.17 1.02 -1.72
N VAL A 152 -4.02 2.14 -2.40
CA VAL A 152 -3.33 3.31 -1.85
C VAL A 152 -4.25 4.32 -1.21
N LEU A 153 -4.10 4.48 0.09
CA LEU A 153 -4.88 5.43 0.87
C LEU A 153 -4.31 6.81 0.70
N TYR A 154 -5.15 7.75 0.31
CA TYR A 154 -4.64 9.05 -0.07
C TYR A 154 -5.72 10.12 0.02
N LYS A 155 -5.23 11.37 0.02
CA LYS A 155 -6.00 12.60 -0.09
C LYS A 155 -5.17 13.46 -1.06
N ILE A 156 -5.69 14.60 -1.50
CA ILE A 156 -4.93 15.42 -2.39
C ILE A 156 -3.59 15.80 -1.73
N GLY A 157 -2.50 15.53 -2.44
CA GLY A 157 -1.15 15.80 -1.98
C GLY A 157 -0.61 14.97 -0.83
N GLN A 158 -1.30 13.85 -0.47
CA GLN A 158 -0.94 13.02 0.68
C GLN A 158 -1.10 11.55 0.40
N VAL A 159 -0.02 10.78 0.55
CA VAL A 159 -0.03 9.33 0.33
C VAL A 159 0.09 8.74 1.73
N LEU A 160 -0.97 8.12 2.22
CA LEU A 160 -1.13 7.84 3.63
C LEU A 160 -0.93 6.42 4.11
N GLY A 161 -1.25 5.46 3.27
CA GLY A 161 -1.12 4.08 3.65
C GLY A 161 -1.44 3.15 2.52
N ILE A 162 -1.39 1.85 2.83
CA ILE A 162 -1.69 0.78 1.88
C ILE A 162 -2.67 -0.18 2.53
N HIS A 163 -3.72 -0.59 1.79
CA HIS A 163 -4.80 -1.41 2.34
C HIS A 163 -4.35 -2.84 2.69
N VAL A 164 -4.65 -3.33 3.88
CA VAL A 164 -4.23 -4.68 4.32
C VAL A 164 -5.35 -5.60 4.85
N GLY A 165 -6.49 -5.10 5.27
CA GLY A 165 -7.49 -5.98 5.84
C GLY A 165 -8.81 -5.31 6.13
N GLY A 166 -9.75 -6.12 6.55
CA GLY A 166 -11.09 -5.64 6.84
C GLY A 166 -11.96 -6.78 7.31
N ASN A 167 -13.09 -6.47 7.88
CA ASN A 167 -14.03 -7.45 8.43
C ASN A 167 -15.47 -7.32 7.93
N GLY A 168 -15.65 -6.64 6.80
CA GLY A 168 -16.97 -6.44 6.20
C GLY A 168 -17.63 -5.13 6.60
N ARG A 169 -17.13 -4.47 7.67
CA ARG A 169 -17.66 -3.21 8.20
C ARG A 169 -16.58 -2.13 8.13
N ASP A 170 -15.41 -2.43 8.71
CA ASP A 170 -14.24 -1.59 8.73
C ASP A 170 -13.15 -2.14 7.79
N GLY A 171 -12.30 -1.22 7.36
CA GLY A 171 -11.14 -1.47 6.53
C GLY A 171 -9.92 -0.90 7.22
N PHE A 172 -8.73 -1.43 6.91
CA PHE A 172 -7.50 -1.05 7.57
C PHE A 172 -6.35 -0.94 6.58
N SER A 173 -5.55 0.12 6.76
CA SER A 173 -4.32 0.37 6.04
C SER A 173 -3.13 0.38 6.97
N ALA A 174 -1.95 -0.10 6.47
CA ALA A 174 -0.68 0.03 7.13
C ALA A 174 -0.28 1.48 6.83
N MET A 175 0.08 2.23 7.86
CA MET A 175 0.42 3.63 7.76
C MET A 175 1.72 3.79 7.01
N LEU A 176 1.83 4.82 6.15
CA LEU A 176 3.09 5.12 5.44
C LEU A 176 3.67 6.35 6.11
N LEU A 177 4.92 6.25 6.60
CA LEU A 177 5.61 7.36 7.25
C LEU A 177 6.84 7.61 6.45
N ARG A 178 7.21 8.89 6.29
CA ARG A 178 8.32 9.29 5.43
C ARG A 178 9.68 8.71 5.81
N SER A 179 9.89 8.52 7.11
CA SER A 179 11.13 7.98 7.63
C SER A 179 11.40 6.52 7.23
N TYR A 180 10.39 5.80 6.78
CA TYR A 180 10.56 4.42 6.30
C TYR A 180 11.37 4.39 5.00
N PHE A 181 11.34 5.51 4.25
CA PHE A 181 11.90 5.61 2.91
C PHE A 181 12.99 6.61 2.74
N THR A 182 13.42 7.27 3.80
CA THR A 182 14.48 8.27 3.77
C THR A 182 15.57 7.87 4.75
#